data_1KWH
#
_entry.id   1KWH
#
_cell.length_a   41.703
_cell.length_b   96.369
_cell.length_c   139.863
_cell.angle_alpha   90.00
_cell.angle_beta   90.00
_cell.angle_gamma   90.00
#
_symmetry.space_group_name_H-M   'P 21 21 21'
#
loop_
_entity.id
_entity.type
_entity.pdbx_description
1 polymer 'Macromolecule-Binding Periplasmic Protein'
2 non-polymer 'CALCIUM ION'
3 water water
#
_entity_poly.entity_id   1
_entity_poly.type   'polypeptide(L)'
_entity_poly.pdbx_seq_one_letter_code
;KEATWVTDKPLTLKIHMHFRDKWVWDENWPVAKESFRLTNVKLQSVANKAATNSQEQFNLMMASGDLPDVVGGDNLKDKF
IQYGQEGAFVPLNKLIDQYAPHIKAFFKSHPEVERAIKAPDGNIYFIPYVPDGVVARGYFIREDWLKKLNLKPPQNIDEL
YTVLKAFKEKDPNGNGKADEVPFIDRHPDEVFRLVNFWGARSSGSDNYMDFYIDNGRVKHPWAETAFRDGMKHVAQWYKE
GLIDKEIFTRKAKAREQMFGGNLGGFTHDWFASTMTFNEGLAKTVPGFKLIPIAPPTNSKGQRWEEDSRQKVRPDGWAIT
VKNKNPVETIKFFDFYFSRPGRDISNFGVPGVTYDIKNGKAVFKDSVLKSPQPVNNQLYDMGAQIPIGFWQDYDYERQWT
TPEAQAGIDMYVKGKYVMPGFEGVNMTREERAIYDKYWADVRTYMYEMGQAWVMGTKDVDKTWDEYQRQLKLRGLYQVLQ
MMQQAYDRQYKN
;
_entity_poly.pdbx_strand_id   A
#
# COMPACT_ATOMS: atom_id res chain seq x y z
N LYS A 1 -33.85 -5.76 -18.94
CA LYS A 1 -33.94 -5.51 -17.47
C LYS A 1 -33.10 -6.53 -16.72
N GLU A 2 -32.29 -6.06 -15.78
CA GLU A 2 -31.46 -6.94 -14.99
C GLU A 2 -31.87 -6.86 -13.53
N ALA A 3 -31.61 -7.92 -12.76
CA ALA A 3 -31.97 -7.95 -11.35
C ALA A 3 -31.23 -6.87 -10.57
N THR A 4 -30.14 -6.37 -11.14
CA THR A 4 -29.34 -5.36 -10.48
C THR A 4 -29.60 -3.92 -10.92
N TRP A 5 -30.59 -3.74 -11.81
CA TRP A 5 -30.93 -2.40 -12.30
C TRP A 5 -31.26 -1.47 -11.15
N VAL A 6 -30.63 -0.30 -11.16
CA VAL A 6 -30.82 0.71 -10.14
C VAL A 6 -32.00 1.62 -10.49
N THR A 7 -32.17 1.89 -11.78
CA THR A 7 -33.22 2.78 -12.27
C THR A 7 -33.98 2.11 -13.41
N ASP A 8 -35.27 2.42 -13.53
CA ASP A 8 -36.06 1.85 -14.61
C ASP A 8 -35.76 2.58 -15.93
N LYS A 9 -35.25 3.80 -15.82
CA LYS A 9 -34.89 4.59 -17.00
C LYS A 9 -33.39 4.83 -17.00
N PRO A 10 -32.74 4.60 -18.14
CA PRO A 10 -31.28 4.80 -18.25
C PRO A 10 -30.84 6.16 -17.72
N LEU A 11 -29.90 6.15 -16.78
CA LEU A 11 -29.40 7.37 -16.17
C LEU A 11 -27.94 7.63 -16.52
N THR A 12 -27.66 8.80 -17.08
CA THR A 12 -26.30 9.16 -17.44
C THR A 12 -25.75 10.18 -16.44
N LEU A 13 -24.62 9.86 -15.82
CA LEU A 13 -24.02 10.77 -14.86
C LEU A 13 -22.67 11.25 -15.37
N LYS A 14 -22.36 12.51 -15.09
CA LYS A 14 -21.10 13.10 -15.49
C LYS A 14 -20.11 12.83 -14.36
N ILE A 15 -18.94 12.31 -14.70
CA ILE A 15 -17.97 12.04 -13.66
C ILE A 15 -16.61 12.58 -14.01
N HIS A 16 -15.95 13.18 -13.03
CA HIS A 16 -14.60 13.65 -13.28
C HIS A 16 -13.70 12.67 -12.54
N MET A 17 -12.98 11.85 -13.29
CA MET A 17 -12.07 10.91 -12.67
C MET A 17 -10.77 10.89 -13.43
N HIS A 18 -9.71 11.31 -12.75
CA HIS A 18 -8.38 11.33 -13.32
C HIS A 18 -7.51 10.70 -12.26
N PHE A 19 -6.85 9.61 -12.61
CA PHE A 19 -6.02 8.93 -11.62
C PHE A 19 -4.67 8.50 -12.15
N ARG A 20 -3.73 8.34 -11.22
CA ARG A 20 -2.37 7.92 -11.56
C ARG A 20 -1.72 8.81 -12.62
N ASP A 21 -2.10 10.10 -12.61
CA ASP A 21 -1.57 11.10 -13.53
C ASP A 21 -1.56 10.64 -14.98
N LYS A 22 -2.51 9.82 -15.39
CA LYS A 22 -2.48 9.35 -16.76
C LYS A 22 -3.81 8.86 -17.31
N TRP A 23 -4.68 8.36 -16.43
CA TRP A 23 -5.95 7.79 -16.86
C TRP A 23 -7.21 8.51 -16.42
N VAL A 24 -8.28 8.26 -17.18
CA VAL A 24 -9.59 8.83 -16.89
C VAL A 24 -10.64 7.75 -17.14
N TRP A 25 -11.85 7.96 -16.62
CA TRP A 25 -12.91 6.99 -16.85
C TRP A 25 -13.13 6.92 -18.36
N ASP A 26 -13.08 5.72 -18.91
CA ASP A 26 -13.26 5.52 -20.34
C ASP A 26 -14.57 4.76 -20.54
N GLU A 27 -15.59 5.43 -21.09
CA GLU A 27 -16.86 4.76 -21.26
C GLU A 27 -16.85 3.69 -22.33
N ASN A 28 -15.72 3.50 -23.00
CA ASN A 28 -15.61 2.47 -24.01
C ASN A 28 -15.01 1.22 -23.36
N TRP A 29 -14.68 1.32 -22.07
CA TRP A 29 -14.12 0.20 -21.32
C TRP A 29 -15.11 -0.93 -21.28
N PRO A 30 -14.65 -2.17 -21.51
CA PRO A 30 -15.55 -3.31 -21.46
C PRO A 30 -16.27 -3.38 -20.11
N VAL A 31 -15.55 -3.04 -19.04
CA VAL A 31 -16.14 -3.07 -17.72
C VAL A 31 -17.16 -1.94 -17.55
N ALA A 32 -16.88 -0.78 -18.14
CA ALA A 32 -17.81 0.33 -18.05
C ALA A 32 -19.10 -0.06 -18.75
N LYS A 33 -18.96 -0.72 -19.91
CA LYS A 33 -20.14 -1.17 -20.66
C LYS A 33 -20.94 -2.17 -19.84
N GLU A 34 -20.25 -3.13 -19.22
CA GLU A 34 -20.90 -4.16 -18.41
C GLU A 34 -21.59 -3.53 -17.20
N SER A 35 -20.95 -2.53 -16.59
CA SER A 35 -21.51 -1.86 -15.43
C SER A 35 -22.84 -1.21 -15.80
N PHE A 36 -22.87 -0.55 -16.95
CA PHE A 36 -24.10 0.11 -17.40
C PHE A 36 -25.18 -0.94 -17.67
N ARG A 37 -24.80 -2.00 -18.36
CA ARG A 37 -25.74 -3.08 -18.68
C ARG A 37 -26.37 -3.64 -17.41
N LEU A 38 -25.59 -3.75 -16.35
CA LEU A 38 -26.09 -4.32 -15.10
C LEU A 38 -26.82 -3.38 -14.16
N THR A 39 -26.51 -2.08 -14.21
CA THR A 39 -27.15 -1.13 -13.30
C THR A 39 -28.11 -0.16 -14.00
N ASN A 40 -27.95 0.00 -15.30
CA ASN A 40 -28.75 0.92 -16.10
C ASN A 40 -28.29 2.36 -15.83
N VAL A 41 -27.07 2.49 -15.27
CA VAL A 41 -26.49 3.79 -15.01
C VAL A 41 -25.20 3.88 -15.81
N LYS A 42 -25.08 4.94 -16.59
CA LYS A 42 -23.92 5.17 -17.43
C LYS A 42 -23.12 6.38 -16.94
N LEU A 43 -21.81 6.25 -16.95
CA LEU A 43 -20.93 7.33 -16.53
C LEU A 43 -20.30 8.01 -17.74
N GLN A 44 -20.39 9.33 -17.75
CA GLN A 44 -19.83 10.12 -18.84
C GLN A 44 -18.62 10.88 -18.30
N SER A 45 -17.47 10.67 -18.95
CA SER A 45 -16.23 11.32 -18.51
C SER A 45 -16.07 12.76 -18.96
N VAL A 46 -15.94 13.65 -18.00
CA VAL A 46 -15.73 15.06 -18.29
C VAL A 46 -14.29 15.47 -17.96
N ALA A 47 -13.44 14.49 -17.63
CA ALA A 47 -12.04 14.77 -17.30
C ALA A 47 -11.20 14.88 -18.56
N ASN A 48 -10.04 15.51 -18.46
CA ASN A 48 -9.17 15.69 -19.62
C ASN A 48 -8.09 14.65 -19.76
N LYS A 49 -8.27 13.73 -20.70
CA LYS A 49 -7.29 12.66 -20.94
C LYS A 49 -5.86 13.14 -21.10
N ALA A 50 -5.68 14.31 -21.71
CA ALA A 50 -4.35 14.85 -21.96
C ALA A 50 -3.60 15.38 -20.74
N ALA A 51 -4.31 15.70 -19.67
CA ALA A 51 -3.68 16.21 -18.47
C ALA A 51 -2.81 15.11 -17.85
N THR A 52 -1.68 15.52 -17.28
CA THR A 52 -0.74 14.58 -16.70
C THR A 52 -0.56 14.69 -15.19
N ASN A 53 -1.38 15.51 -14.54
CA ASN A 53 -1.31 15.72 -13.10
C ASN A 53 -2.71 15.61 -12.52
N SER A 54 -3.07 14.43 -12.04
CA SER A 54 -4.40 14.16 -11.48
C SER A 54 -4.86 15.13 -10.38
N GLN A 55 -4.00 15.35 -9.40
CA GLN A 55 -4.32 16.22 -8.27
C GLN A 55 -4.60 17.66 -8.72
N GLU A 56 -3.87 18.09 -9.74
CA GLU A 56 -4.04 19.42 -10.29
C GLU A 56 -5.38 19.50 -11.00
N GLN A 57 -5.70 18.46 -11.78
CA GLN A 57 -6.96 18.45 -12.49
C GLN A 57 -8.14 18.53 -11.51
N PHE A 58 -7.98 17.91 -10.34
CA PHE A 58 -9.05 17.96 -9.36
C PHE A 58 -9.26 19.42 -8.97
N ASN A 59 -8.17 20.13 -8.68
CA ASN A 59 -8.27 21.54 -8.29
C ASN A 59 -8.91 22.45 -9.34
N LEU A 60 -8.47 22.36 -10.58
CA LEU A 60 -9.05 23.21 -11.62
C LEU A 60 -10.55 22.99 -11.73
N MET A 61 -10.98 21.77 -11.48
CA MET A 61 -12.40 21.44 -11.52
C MET A 61 -13.10 22.11 -10.34
N MET A 62 -12.53 21.93 -9.15
CA MET A 62 -13.09 22.49 -7.93
C MET A 62 -13.22 24.01 -8.06
N ALA A 63 -12.17 24.66 -8.53
CA ALA A 63 -12.19 26.11 -8.72
C ALA A 63 -13.27 26.41 -9.75
N SER A 64 -13.16 25.73 -10.89
CA SER A 64 -14.10 25.85 -12.00
C SER A 64 -15.53 26.15 -11.56
N GLY A 65 -15.87 25.72 -10.34
CA GLY A 65 -17.22 25.96 -9.84
C GLY A 65 -18.26 25.06 -10.49
N ASP A 66 -18.08 24.78 -11.78
CA ASP A 66 -19.00 23.93 -12.53
C ASP A 66 -18.65 22.47 -12.25
N LEU A 67 -19.36 21.88 -11.28
CA LEU A 67 -19.11 20.51 -10.87
C LEU A 67 -19.87 19.43 -11.63
N PRO A 68 -19.32 18.20 -11.60
CA PRO A 68 -19.96 17.06 -12.28
C PRO A 68 -20.82 16.38 -11.23
N ASP A 69 -21.39 15.23 -11.55
CA ASP A 69 -22.24 14.51 -10.62
C ASP A 69 -21.42 13.68 -9.65
N VAL A 70 -20.36 13.09 -10.18
CA VAL A 70 -19.46 12.23 -9.40
C VAL A 70 -18.01 12.58 -9.63
N VAL A 71 -17.22 12.49 -8.57
CA VAL A 71 -15.78 12.76 -8.63
C VAL A 71 -15.04 11.59 -8.01
N GLY A 72 -14.11 11.03 -8.76
CA GLY A 72 -13.34 9.90 -8.25
C GLY A 72 -11.87 9.95 -8.59
N GLY A 73 -11.09 9.14 -7.91
CA GLY A 73 -9.66 9.11 -8.18
C GLY A 73 -8.87 8.60 -7.01
N ASP A 74 -7.56 8.51 -7.21
CA ASP A 74 -6.65 8.05 -6.17
C ASP A 74 -6.12 9.23 -5.38
N ASN A 75 -5.78 8.98 -4.12
CA ASN A 75 -5.22 10.00 -3.24
C ASN A 75 -6.09 11.24 -3.12
N LEU A 76 -7.41 11.04 -3.01
CA LEU A 76 -8.34 12.15 -2.91
C LEU A 76 -9.01 12.23 -1.55
N LYS A 77 -8.76 11.26 -0.68
CA LYS A 77 -9.37 11.25 0.65
C LYS A 77 -9.37 12.62 1.32
N ASP A 78 -8.18 13.17 1.51
CA ASP A 78 -8.03 14.47 2.15
C ASP A 78 -8.90 15.55 1.52
N LYS A 79 -8.89 15.62 0.20
CA LYS A 79 -9.70 16.60 -0.48
C LYS A 79 -11.19 16.32 -0.38
N PHE A 80 -11.57 15.03 -0.40
CA PHE A 80 -12.98 14.68 -0.29
C PHE A 80 -13.54 15.23 1.01
N ILE A 81 -12.77 15.03 2.08
CA ILE A 81 -13.15 15.48 3.41
C ILE A 81 -13.16 16.99 3.60
N GLN A 82 -12.21 17.70 2.99
CA GLN A 82 -12.20 19.14 3.16
C GLN A 82 -13.28 19.81 2.30
N TYR A 83 -13.36 19.43 1.04
CA TYR A 83 -14.36 20.01 0.15
C TYR A 83 -15.74 19.46 0.48
N GLY A 84 -15.75 18.44 1.34
CA GLY A 84 -17.01 17.86 1.76
C GLY A 84 -17.51 18.67 2.93
N GLN A 85 -16.59 19.10 3.79
CA GLN A 85 -16.98 19.88 4.94
C GLN A 85 -17.40 21.29 4.60
N GLU A 86 -16.95 21.80 3.48
CA GLU A 86 -17.38 23.12 3.09
C GLU A 86 -18.46 22.97 2.01
N GLY A 87 -19.26 21.92 2.17
CA GLY A 87 -20.38 21.63 1.30
C GLY A 87 -20.32 21.28 -0.19
N ALA A 88 -19.14 20.99 -0.74
CA ALA A 88 -19.08 20.65 -2.16
C ALA A 88 -19.50 19.20 -2.41
N PHE A 89 -19.22 18.34 -1.43
CA PHE A 89 -19.55 16.93 -1.52
C PHE A 89 -20.61 16.59 -0.50
N VAL A 90 -21.61 15.86 -0.96
CA VAL A 90 -22.74 15.44 -0.15
C VAL A 90 -22.36 14.43 0.94
N PRO A 91 -22.84 14.65 2.18
CA PRO A 91 -22.50 13.67 3.21
C PRO A 91 -23.30 12.43 2.83
N LEU A 92 -22.72 11.25 3.04
CA LEU A 92 -23.35 9.99 2.64
C LEU A 92 -23.99 9.15 3.74
N ASN A 93 -23.79 9.53 4.99
CA ASN A 93 -24.32 8.77 6.11
C ASN A 93 -25.76 8.28 5.97
N LYS A 94 -26.71 9.19 5.81
CA LYS A 94 -28.11 8.79 5.69
C LYS A 94 -28.37 8.04 4.39
N LEU A 95 -27.78 8.49 3.29
CA LEU A 95 -27.95 7.84 2.00
C LEU A 95 -27.57 6.36 2.10
N ILE A 96 -26.53 6.06 2.87
CA ILE A 96 -26.09 4.69 3.04
C ILE A 96 -27.07 3.87 3.86
N ASP A 97 -27.44 4.40 5.02
CA ASP A 97 -28.37 3.70 5.91
C ASP A 97 -29.70 3.33 5.26
N GLN A 98 -30.14 4.12 4.30
CA GLN A 98 -31.43 3.86 3.67
C GLN A 98 -31.39 3.20 2.30
N TYR A 99 -30.35 3.46 1.51
CA TYR A 99 -30.30 2.90 0.16
C TYR A 99 -29.12 2.03 -0.24
N ALA A 100 -28.18 1.78 0.67
CA ALA A 100 -27.03 0.96 0.32
C ALA A 100 -26.82 -0.17 1.31
N PRO A 101 -27.61 -1.23 1.18
CA PRO A 101 -27.52 -2.39 2.09
C PRO A 101 -26.14 -3.05 2.13
N HIS A 102 -25.52 -3.17 0.97
CA HIS A 102 -24.21 -3.81 0.87
C HIS A 102 -23.11 -2.96 1.52
N ILE A 103 -23.14 -1.66 1.26
CA ILE A 103 -22.15 -0.78 1.85
C ILE A 103 -22.38 -0.77 3.36
N LYS A 104 -23.64 -0.67 3.74
CA LYS A 104 -24.03 -0.65 5.15
C LYS A 104 -23.51 -1.87 5.90
N ALA A 105 -23.77 -3.06 5.37
CA ALA A 105 -23.34 -4.29 6.00
C ALA A 105 -21.82 -4.37 6.05
N PHE A 106 -21.16 -3.87 5.01
CA PHE A 106 -19.71 -3.90 5.00
C PHE A 106 -19.15 -3.10 6.18
N PHE A 107 -19.64 -1.87 6.35
CA PHE A 107 -19.15 -1.03 7.45
C PHE A 107 -19.46 -1.65 8.80
N LYS A 108 -20.61 -2.32 8.87
CA LYS A 108 -21.06 -2.97 10.09
C LYS A 108 -20.06 -4.04 10.53
N SER A 109 -19.55 -4.81 9.58
CA SER A 109 -18.59 -5.86 9.90
C SER A 109 -17.13 -5.39 9.77
N HIS A 110 -16.94 -4.14 9.34
CA HIS A 110 -15.61 -3.57 9.17
C HIS A 110 -15.59 -2.17 9.76
N PRO A 111 -15.91 -2.04 11.06
CA PRO A 111 -15.94 -0.73 11.73
C PRO A 111 -14.67 0.10 11.55
N GLU A 112 -13.52 -0.56 11.58
CA GLU A 112 -12.26 0.15 11.43
C GLU A 112 -12.17 0.90 10.09
N VAL A 113 -12.81 0.39 9.05
CA VAL A 113 -12.78 1.07 7.76
C VAL A 113 -13.66 2.32 7.89
N GLU A 114 -14.79 2.18 8.57
CA GLU A 114 -15.71 3.30 8.75
C GLU A 114 -15.05 4.43 9.54
N ARG A 115 -14.40 4.09 10.66
CA ARG A 115 -13.74 5.11 11.45
C ARG A 115 -12.72 5.86 10.59
N ALA A 116 -11.86 5.10 9.92
CA ALA A 116 -10.81 5.65 9.09
C ALA A 116 -11.23 6.70 8.06
N ILE A 117 -12.44 6.60 7.52
CA ILE A 117 -12.87 7.57 6.51
C ILE A 117 -13.78 8.67 7.02
N LYS A 118 -14.13 8.63 8.29
CA LYS A 118 -15.01 9.64 8.87
C LYS A 118 -14.34 11.00 8.99
N ALA A 119 -14.99 12.04 8.47
CA ALA A 119 -14.44 13.39 8.56
C ALA A 119 -14.60 13.85 10.01
N PRO A 120 -13.92 14.93 10.40
CA PRO A 120 -14.06 15.39 11.79
C PRO A 120 -15.49 15.67 12.24
N ASP A 121 -16.37 16.07 11.32
CA ASP A 121 -17.76 16.34 11.68
C ASP A 121 -18.60 15.07 11.79
N GLY A 122 -17.95 13.91 11.67
CA GLY A 122 -18.67 12.65 11.78
C GLY A 122 -19.28 12.14 10.49
N ASN A 123 -19.26 12.96 9.44
CA ASN A 123 -19.81 12.57 8.15
C ASN A 123 -18.87 11.73 7.31
N ILE A 124 -19.46 10.99 6.38
CA ILE A 124 -18.74 10.17 5.43
C ILE A 124 -18.96 10.85 4.10
N TYR A 125 -17.90 11.39 3.52
CA TYR A 125 -18.02 12.11 2.25
C TYR A 125 -17.60 11.36 0.98
N PHE A 126 -17.26 10.08 1.11
CA PHE A 126 -16.90 9.28 -0.06
C PHE A 126 -16.88 7.79 0.24
N ILE A 127 -17.04 6.97 -0.81
CA ILE A 127 -17.00 5.52 -0.69
C ILE A 127 -15.57 5.19 -1.11
N PRO A 128 -14.81 4.55 -0.23
CA PRO A 128 -13.42 4.22 -0.55
C PRO A 128 -13.14 2.94 -1.30
N TYR A 129 -11.91 2.89 -1.80
CA TYR A 129 -11.37 1.74 -2.49
C TYR A 129 -10.92 0.88 -1.30
N VAL A 130 -11.59 -0.25 -1.10
CA VAL A 130 -11.24 -1.12 0.01
C VAL A 130 -10.41 -2.27 -0.54
N PRO A 131 -9.12 -2.30 -0.18
CA PRO A 131 -8.24 -3.37 -0.66
C PRO A 131 -8.49 -4.66 0.14
N ASP A 132 -8.06 -5.79 -0.40
CA ASP A 132 -8.25 -7.06 0.29
C ASP A 132 -6.88 -7.68 0.45
N GLY A 133 -6.69 -8.43 1.54
CA GLY A 133 -5.39 -9.04 1.78
C GLY A 133 -4.75 -8.38 2.98
N VAL A 134 -3.89 -9.11 3.67
CA VAL A 134 -3.22 -8.58 4.85
C VAL A 134 -1.70 -8.54 4.74
N VAL A 135 -1.12 -9.60 4.18
CA VAL A 135 0.34 -9.66 4.05
C VAL A 135 0.84 -8.80 2.89
N ALA A 136 1.89 -8.04 3.15
CA ALA A 136 2.50 -7.17 2.15
C ALA A 136 3.88 -7.76 1.87
N ARG A 137 4.93 -7.17 2.46
CA ARG A 137 6.28 -7.71 2.24
C ARG A 137 6.60 -8.86 3.20
N GLY A 138 7.68 -9.58 2.89
CA GLY A 138 8.12 -10.68 3.71
C GLY A 138 9.61 -10.84 3.50
N TYR A 139 10.28 -11.64 4.32
CA TYR A 139 11.71 -11.85 4.16
C TYR A 139 11.99 -13.06 3.30
N PHE A 140 12.90 -12.89 2.34
CA PHE A 140 13.30 -13.96 1.44
C PHE A 140 14.81 -14.16 1.53
N ILE A 141 15.25 -15.40 1.36
CA ILE A 141 16.66 -15.72 1.45
C ILE A 141 17.04 -16.82 0.45
N ARG A 142 18.28 -16.79 -0.02
CA ARG A 142 18.77 -17.78 -0.98
C ARG A 142 18.93 -19.14 -0.32
N GLU A 143 18.04 -20.09 -0.64
CA GLU A 143 18.16 -21.41 -0.05
C GLU A 143 19.34 -22.16 -0.65
N ASP A 144 19.60 -21.95 -1.93
CA ASP A 144 20.72 -22.61 -2.57
C ASP A 144 22.06 -22.20 -1.95
N TRP A 145 22.15 -20.95 -1.52
CA TRP A 145 23.38 -20.47 -0.90
C TRP A 145 23.48 -21.07 0.49
N LEU A 146 22.36 -21.10 1.21
CA LEU A 146 22.38 -21.68 2.54
C LEU A 146 22.83 -23.12 2.35
N LYS A 147 22.41 -23.69 1.22
CA LYS A 147 22.74 -25.06 0.87
C LYS A 147 24.25 -25.22 0.71
N LYS A 148 24.83 -24.47 -0.21
CA LYS A 148 26.28 -24.51 -0.44
C LYS A 148 27.04 -24.33 0.87
N LEU A 149 26.84 -23.18 1.50
CA LEU A 149 27.51 -22.87 2.76
C LEU A 149 27.13 -23.80 3.90
N ASN A 150 26.23 -24.73 3.62
CA ASN A 150 25.80 -25.70 4.62
C ASN A 150 25.25 -25.05 5.90
N LEU A 151 24.40 -24.04 5.76
CA LEU A 151 23.82 -23.35 6.91
C LEU A 151 22.30 -23.51 6.91
N LYS A 152 21.70 -23.42 8.08
CA LYS A 152 20.24 -23.52 8.17
C LYS A 152 19.68 -22.10 8.12
N PRO A 153 18.39 -21.95 7.81
CA PRO A 153 17.82 -20.61 7.77
C PRO A 153 17.89 -20.01 9.18
N PRO A 154 18.22 -18.72 9.29
CA PRO A 154 18.33 -18.02 10.58
C PRO A 154 17.02 -17.89 11.38
N GLN A 155 17.09 -18.23 12.67
CA GLN A 155 15.90 -18.15 13.53
C GLN A 155 15.84 -16.87 14.36
N ASN A 156 16.97 -16.19 14.51
CA ASN A 156 17.01 -14.95 15.29
C ASN A 156 18.01 -13.98 14.69
N ILE A 157 18.05 -12.78 15.24
CA ILE A 157 18.95 -11.75 14.73
C ILE A 157 20.42 -12.16 14.79
N ASP A 158 20.78 -12.97 15.77
CA ASP A 158 22.15 -13.44 15.91
C ASP A 158 22.56 -14.31 14.72
N GLU A 159 21.74 -15.31 14.42
CA GLU A 159 22.02 -16.19 13.29
C GLU A 159 21.96 -15.44 11.97
N LEU A 160 21.02 -14.50 11.87
CA LEU A 160 20.87 -13.73 10.64
C LEU A 160 22.21 -13.07 10.32
N TYR A 161 22.80 -12.41 11.32
CA TYR A 161 24.09 -11.75 11.14
C TYR A 161 25.14 -12.77 10.69
N THR A 162 25.15 -13.91 11.35
CA THR A 162 26.10 -14.98 11.04
C THR A 162 25.96 -15.39 9.59
N VAL A 163 24.72 -15.69 9.19
CA VAL A 163 24.44 -16.10 7.83
C VAL A 163 24.82 -15.06 6.78
N LEU A 164 24.46 -13.80 7.01
CA LEU A 164 24.79 -12.76 6.03
C LEU A 164 26.30 -12.55 5.86
N LYS A 165 27.06 -12.70 6.95
CA LYS A 165 28.51 -12.56 6.88
C LYS A 165 29.06 -13.75 6.10
N ALA A 166 28.45 -14.91 6.30
CA ALA A 166 28.85 -16.10 5.57
C ALA A 166 28.66 -15.81 4.08
N PHE A 167 27.52 -15.23 3.74
CA PHE A 167 27.20 -14.89 2.36
C PHE A 167 28.28 -14.00 1.75
N LYS A 168 28.77 -13.04 2.53
CA LYS A 168 29.79 -12.13 2.02
C LYS A 168 31.21 -12.66 2.08
N GLU A 169 31.47 -13.53 3.05
CA GLU A 169 32.82 -14.06 3.23
C GLU A 169 33.12 -15.42 2.61
N LYS A 170 32.17 -16.34 2.61
CA LYS A 170 32.41 -17.69 2.07
C LYS A 170 32.05 -17.98 0.62
N ASP A 171 32.18 -16.96 -0.22
CA ASP A 171 31.92 -17.07 -1.66
C ASP A 171 30.85 -18.09 -2.07
N PRO A 172 29.57 -17.80 -1.79
CA PRO A 172 28.53 -18.75 -2.17
C PRO A 172 28.41 -18.94 -3.69
N ASN A 173 28.57 -17.87 -4.46
CA ASN A 173 28.46 -18.02 -5.91
C ASN A 173 29.75 -18.66 -6.45
N GLY A 174 30.67 -18.91 -5.53
CA GLY A 174 31.93 -19.55 -5.84
C GLY A 174 32.77 -19.10 -7.03
N ASN A 175 32.74 -17.83 -7.39
CA ASN A 175 33.57 -17.37 -8.50
C ASN A 175 34.90 -16.85 -7.97
N GLY A 176 35.31 -17.38 -6.83
CA GLY A 176 36.57 -16.99 -6.22
C GLY A 176 36.70 -15.52 -5.91
N LYS A 177 35.58 -14.82 -5.83
CA LYS A 177 35.59 -13.39 -5.54
C LYS A 177 34.67 -13.03 -4.38
N ALA A 178 34.98 -11.93 -3.70
CA ALA A 178 34.15 -11.47 -2.60
C ALA A 178 33.24 -10.40 -3.21
N ASP A 179 32.41 -10.82 -4.16
CA ASP A 179 31.48 -9.92 -4.83
C ASP A 179 30.04 -10.02 -4.31
N GLU A 180 29.82 -10.87 -3.31
CA GLU A 180 28.48 -11.05 -2.76
C GLU A 180 27.97 -9.87 -1.95
N VAL A 181 26.70 -9.54 -2.13
CA VAL A 181 26.07 -8.45 -1.40
C VAL A 181 24.87 -9.09 -0.71
N PRO A 182 25.01 -9.43 0.58
CA PRO A 182 23.96 -10.06 1.39
C PRO A 182 22.54 -9.49 1.28
N PHE A 183 22.37 -8.23 1.64
CA PHE A 183 21.06 -7.59 1.60
C PHE A 183 20.92 -6.61 0.45
N ILE A 184 19.89 -6.83 -0.37
CA ILE A 184 19.61 -5.94 -1.48
C ILE A 184 18.12 -5.66 -1.40
N ASP A 185 17.66 -4.56 -2.00
CA ASP A 185 16.24 -4.24 -1.98
C ASP A 185 16.00 -3.11 -2.96
N ARG A 186 14.97 -3.26 -3.77
CA ARG A 186 14.62 -2.27 -4.77
C ARG A 186 14.02 -1.01 -4.16
N HIS A 187 13.59 -1.08 -2.90
CA HIS A 187 13.04 0.08 -2.19
C HIS A 187 14.07 0.46 -1.12
N PRO A 188 14.79 1.58 -1.33
CA PRO A 188 15.81 2.02 -0.37
C PRO A 188 15.34 2.08 1.06
N ASP A 189 14.12 2.60 1.28
CA ASP A 189 13.57 2.73 2.63
C ASP A 189 13.54 1.43 3.43
N GLU A 190 13.61 0.30 2.75
CA GLU A 190 13.59 -0.98 3.45
C GLU A 190 14.84 -1.17 4.31
N VAL A 191 15.89 -0.40 4.03
CA VAL A 191 17.10 -0.53 4.80
C VAL A 191 16.85 -0.07 6.24
N PHE A 192 16.00 0.93 6.42
CA PHE A 192 15.68 1.44 7.75
C PHE A 192 14.78 0.46 8.50
N ARG A 193 14.00 -0.31 7.75
CA ARG A 193 13.11 -1.32 8.33
C ARG A 193 13.91 -2.39 9.10
N LEU A 194 15.21 -2.44 8.82
CA LEU A 194 16.05 -3.41 9.50
C LEU A 194 16.10 -3.19 11.02
N VAL A 195 15.84 -1.95 11.46
CA VAL A 195 15.89 -1.69 12.90
C VAL A 195 14.86 -2.54 13.64
N ASN A 196 13.94 -3.14 12.91
CA ASN A 196 12.94 -4.02 13.53
C ASN A 196 13.66 -5.12 14.31
N PHE A 197 14.79 -5.58 13.78
CA PHE A 197 15.57 -6.65 14.41
C PHE A 197 16.17 -6.32 15.77
N TRP A 198 16.05 -5.06 16.19
CA TRP A 198 16.55 -4.64 17.48
C TRP A 198 15.41 -3.99 18.28
N GLY A 199 14.19 -4.45 18.02
CA GLY A 199 13.01 -3.97 18.71
C GLY A 199 12.54 -2.56 18.42
N ALA A 200 12.97 -1.97 17.32
CA ALA A 200 12.55 -0.61 17.01
C ALA A 200 11.67 -0.61 15.78
N ARG A 201 10.67 0.27 15.77
CA ARG A 201 9.78 0.37 14.63
C ARG A 201 10.36 1.40 13.66
N SER A 202 9.98 1.32 12.39
CA SER A 202 10.48 2.28 11.42
C SER A 202 9.31 2.99 10.78
N SER A 203 8.11 2.44 10.99
CA SER A 203 6.89 3.02 10.42
C SER A 203 5.62 2.36 10.96
N GLY A 204 4.56 3.13 11.10
CA GLY A 204 3.30 2.61 11.58
C GLY A 204 2.43 1.97 10.51
N SER A 205 2.78 2.15 9.25
CA SER A 205 2.00 1.55 8.16
C SER A 205 2.89 1.18 6.97
N ASP A 206 2.27 0.71 5.89
CA ASP A 206 3.02 0.35 4.69
C ASP A 206 3.70 1.59 4.10
N ASN A 207 3.18 2.78 4.42
CA ASN A 207 3.78 4.01 3.92
C ASN A 207 5.04 4.26 4.74
N TYR A 208 6.15 4.53 4.08
CA TYR A 208 7.39 4.75 4.80
C TYR A 208 7.36 5.98 5.71
N MET A 209 8.06 5.87 6.83
CA MET A 209 8.17 6.96 7.81
C MET A 209 6.83 7.49 8.31
N ASP A 210 5.89 6.59 8.57
CA ASP A 210 4.58 6.98 9.04
C ASP A 210 4.53 6.88 10.57
N PHE A 211 3.61 7.61 11.17
CA PHE A 211 3.46 7.58 12.62
C PHE A 211 2.83 6.27 13.02
N TYR A 212 2.93 5.94 14.31
CA TYR A 212 2.29 4.74 14.80
C TYR A 212 1.65 5.03 16.15
N ILE A 213 0.74 4.16 16.59
CA ILE A 213 0.08 4.36 17.86
C ILE A 213 0.63 3.43 18.92
N ASP A 214 1.03 4.01 20.05
CA ASP A 214 1.55 3.21 21.15
C ASP A 214 0.80 3.58 22.40
N ASN A 215 -0.17 2.75 22.76
CA ASN A 215 -0.98 2.97 23.95
C ASN A 215 -1.77 4.27 23.82
N GLY A 216 -2.49 4.41 22.72
CA GLY A 216 -3.30 5.61 22.50
C GLY A 216 -2.50 6.88 22.26
N ARG A 217 -1.18 6.73 22.17
CA ARG A 217 -0.31 7.87 21.95
C ARG A 217 0.25 7.90 20.54
N VAL A 218 0.09 9.02 19.85
CA VAL A 218 0.63 9.16 18.52
C VAL A 218 2.13 9.45 18.65
N LYS A 219 2.95 8.61 18.04
CA LYS A 219 4.40 8.80 18.09
C LYS A 219 4.99 8.64 16.71
N HIS A 220 6.20 9.14 16.54
CA HIS A 220 6.87 8.93 15.28
C HIS A 220 8.09 8.08 15.60
N PRO A 221 8.15 6.88 15.01
CA PRO A 221 9.25 5.94 15.23
C PRO A 221 10.68 6.46 15.11
N TRP A 222 10.92 7.37 14.17
CA TRP A 222 12.26 7.89 13.95
C TRP A 222 12.76 8.82 15.05
N ALA A 223 11.86 9.20 15.94
CA ALA A 223 12.22 10.08 17.03
C ALA A 223 12.52 9.31 18.32
N GLU A 224 12.20 8.02 18.34
CA GLU A 224 12.41 7.20 19.53
C GLU A 224 13.85 6.75 19.74
N THR A 225 14.26 6.63 20.99
CA THR A 225 15.61 6.20 21.32
C THR A 225 15.82 4.77 20.81
N ALA A 226 14.73 4.02 20.67
CA ALA A 226 14.83 2.65 20.16
C ALA A 226 15.42 2.70 18.75
N PHE A 227 14.98 3.69 17.97
CA PHE A 227 15.44 3.86 16.59
C PHE A 227 16.93 4.16 16.56
N ARG A 228 17.39 4.90 17.57
CA ARG A 228 18.81 5.24 17.66
C ARG A 228 19.69 4.00 17.82
N ASP A 229 19.31 3.13 18.74
CA ASP A 229 20.09 1.92 18.99
C ASP A 229 20.01 0.98 17.80
N GLY A 230 18.86 0.96 17.14
CA GLY A 230 18.71 0.12 15.97
C GLY A 230 19.59 0.61 14.83
N MET A 231 19.62 1.91 14.60
CA MET A 231 20.43 2.45 13.52
C MET A 231 21.93 2.19 13.72
N LYS A 232 22.39 2.12 14.96
CA LYS A 232 23.80 1.87 15.23
C LYS A 232 24.19 0.54 14.62
N HIS A 233 23.32 -0.46 14.79
CA HIS A 233 23.58 -1.77 14.22
C HIS A 233 23.51 -1.72 12.70
N VAL A 234 22.50 -1.04 12.17
CA VAL A 234 22.36 -0.95 10.73
C VAL A 234 23.59 -0.32 10.09
N ALA A 235 24.09 0.75 10.69
CA ALA A 235 25.28 1.43 10.16
C ALA A 235 26.51 0.52 10.21
N GLN A 236 26.60 -0.32 11.23
CA GLN A 236 27.74 -1.23 11.37
C GLN A 236 27.65 -2.26 10.24
N TRP A 237 26.44 -2.77 10.00
CA TRP A 237 26.24 -3.74 8.94
C TRP A 237 26.62 -3.15 7.60
N TYR A 238 26.30 -1.88 7.40
CA TYR A 238 26.63 -1.23 6.14
C TYR A 238 28.15 -1.15 6.02
N LYS A 239 28.80 -0.79 7.13
CA LYS A 239 30.25 -0.67 7.16
C LYS A 239 30.92 -2.00 6.83
N GLU A 240 30.29 -3.10 7.23
CA GLU A 240 30.81 -4.44 6.98
C GLU A 240 30.41 -5.00 5.60
N GLY A 241 29.71 -4.21 4.81
CA GLY A 241 29.31 -4.66 3.50
C GLY A 241 28.18 -5.68 3.47
N LEU A 242 27.43 -5.79 4.56
CA LEU A 242 26.30 -6.71 4.60
C LEU A 242 25.13 -6.08 3.87
N ILE A 243 25.15 -4.76 3.76
CA ILE A 243 24.10 -4.03 3.08
C ILE A 243 24.66 -3.45 1.79
N ASP A 244 23.90 -3.59 0.71
CA ASP A 244 24.26 -3.09 -0.60
C ASP A 244 24.76 -1.65 -0.55
N LYS A 245 26.01 -1.44 -0.93
CA LYS A 245 26.60 -0.11 -0.92
C LYS A 245 25.75 0.92 -1.64
N GLU A 246 25.08 0.48 -2.72
CA GLU A 246 24.23 1.36 -3.53
C GLU A 246 22.76 1.18 -3.16
N ILE A 247 22.49 0.85 -1.89
CA ILE A 247 21.12 0.63 -1.44
C ILE A 247 20.22 1.85 -1.72
N PHE A 248 20.77 3.05 -1.53
CA PHE A 248 19.98 4.27 -1.75
C PHE A 248 19.83 4.70 -3.20
N THR A 249 20.58 4.09 -4.12
CA THR A 249 20.50 4.49 -5.52
C THR A 249 20.07 3.43 -6.54
N ARG A 250 20.40 2.17 -6.29
CA ARG A 250 20.06 1.08 -7.22
C ARG A 250 18.58 1.08 -7.60
N LYS A 251 17.72 1.00 -6.58
CA LYS A 251 16.28 1.02 -6.77
C LYS A 251 15.63 -0.03 -7.69
N ALA A 252 14.59 0.41 -8.40
CA ALA A 252 13.79 -0.40 -9.31
C ALA A 252 14.27 -1.79 -9.70
N LYS A 253 15.32 -1.88 -10.51
CA LYS A 253 15.82 -3.17 -10.98
C LYS A 253 16.82 -3.89 -10.08
N ALA A 254 16.85 -3.55 -8.80
CA ALA A 254 17.77 -4.18 -7.85
C ALA A 254 17.69 -5.71 -7.89
N ARG A 255 16.48 -6.24 -7.96
CA ARG A 255 16.31 -7.69 -7.97
C ARG A 255 16.88 -8.30 -9.24
N GLU A 256 16.48 -7.77 -10.38
CA GLU A 256 16.98 -8.28 -11.65
C GLU A 256 18.50 -8.21 -11.72
N GLN A 257 19.06 -7.09 -11.30
CA GLN A 257 20.51 -6.91 -11.32
C GLN A 257 21.24 -7.83 -10.36
N MET A 258 20.93 -7.67 -9.08
CA MET A 258 21.57 -8.44 -8.02
C MET A 258 21.26 -9.93 -8.01
N PHE A 259 20.02 -10.30 -8.34
CA PHE A 259 19.66 -11.72 -8.37
C PHE A 259 20.08 -12.29 -9.71
N GLY A 260 19.82 -11.56 -10.78
CA GLY A 260 20.21 -12.02 -12.10
C GLY A 260 21.71 -12.21 -12.17
N GLY A 261 22.45 -11.31 -11.52
CA GLY A 261 23.90 -11.40 -11.52
C GLY A 261 24.40 -12.40 -10.49
N ASN A 262 23.50 -12.86 -9.63
CA ASN A 262 23.84 -13.83 -8.60
C ASN A 262 24.78 -13.23 -7.54
N LEU A 263 24.47 -12.00 -7.12
CA LEU A 263 25.24 -11.27 -6.12
C LEU A 263 24.54 -11.21 -4.75
N GLY A 264 23.23 -10.96 -4.75
CA GLY A 264 22.49 -10.85 -3.50
C GLY A 264 21.87 -12.14 -2.99
N GLY A 265 21.62 -12.21 -1.69
CA GLY A 265 21.02 -13.40 -1.11
C GLY A 265 20.01 -13.18 0.01
N PHE A 266 19.45 -11.98 0.09
CA PHE A 266 18.49 -11.67 1.14
C PHE A 266 17.78 -10.34 0.88
N THR A 267 16.46 -10.32 1.05
CA THR A 267 15.71 -9.10 0.83
C THR A 267 14.36 -9.15 1.51
N HIS A 268 13.70 -7.99 1.57
CA HIS A 268 12.38 -7.83 2.15
C HIS A 268 11.57 -7.16 1.02
N ASP A 269 10.66 -7.91 0.42
CA ASP A 269 9.87 -7.41 -0.69
C ASP A 269 8.53 -8.17 -0.74
N TRP A 270 7.71 -7.84 -1.72
CA TRP A 270 6.40 -8.47 -1.88
C TRP A 270 6.47 -9.94 -2.29
N PHE A 271 5.58 -10.76 -1.73
CA PHE A 271 5.61 -12.18 -2.03
C PHE A 271 5.51 -12.57 -3.49
N ALA A 272 4.41 -12.21 -4.13
CA ALA A 272 4.17 -12.56 -5.53
C ALA A 272 5.31 -12.29 -6.50
N SER A 273 5.66 -11.02 -6.68
CA SER A 273 6.70 -10.66 -7.62
C SER A 273 8.11 -11.18 -7.30
N THR A 274 8.46 -11.24 -6.02
CA THR A 274 9.79 -11.73 -5.66
C THR A 274 9.97 -13.21 -5.95
N MET A 275 8.93 -14.00 -5.69
CA MET A 275 9.01 -15.44 -5.92
C MET A 275 9.07 -15.83 -7.40
N THR A 276 8.65 -14.95 -8.29
CA THR A 276 8.71 -15.28 -9.72
C THR A 276 10.14 -15.41 -10.23
N PHE A 277 11.10 -14.86 -9.50
CA PHE A 277 12.50 -14.94 -9.92
C PHE A 277 13.04 -16.36 -9.84
N ASN A 278 12.35 -17.22 -9.10
CA ASN A 278 12.78 -18.60 -8.99
C ASN A 278 12.61 -19.27 -10.34
N GLU A 279 11.57 -18.87 -11.05
CA GLU A 279 11.30 -19.44 -12.36
C GLU A 279 12.05 -18.67 -13.46
N GLY A 280 11.98 -17.35 -13.41
CA GLY A 280 12.63 -16.53 -14.43
C GLY A 280 14.14 -16.57 -14.44
N LEU A 281 14.73 -17.20 -13.42
CA LEU A 281 16.18 -17.29 -13.32
C LEU A 281 16.69 -18.72 -13.33
N ALA A 282 15.79 -19.68 -13.42
CA ALA A 282 16.17 -21.08 -13.44
C ALA A 282 17.23 -21.31 -14.51
N LYS A 283 17.08 -20.58 -15.61
CA LYS A 283 17.99 -20.65 -16.76
C LYS A 283 19.34 -19.99 -16.49
N THR A 284 19.32 -18.65 -16.42
CA THR A 284 20.50 -17.85 -16.20
C THR A 284 21.31 -18.16 -14.94
N VAL A 285 20.63 -18.48 -13.83
CA VAL A 285 21.33 -18.80 -12.59
C VAL A 285 20.88 -20.15 -12.08
N PRO A 286 21.46 -21.23 -12.64
CA PRO A 286 21.12 -22.60 -12.26
C PRO A 286 21.06 -22.84 -10.75
N GLY A 287 19.96 -23.44 -10.29
CA GLY A 287 19.81 -23.72 -8.87
C GLY A 287 19.34 -22.55 -8.03
N PHE A 288 19.18 -21.39 -8.65
CA PHE A 288 18.74 -20.20 -7.93
C PHE A 288 17.39 -20.48 -7.29
N LYS A 289 17.29 -20.24 -5.99
CA LYS A 289 16.02 -20.46 -5.30
C LYS A 289 15.85 -19.64 -4.02
N LEU A 290 14.91 -18.72 -4.05
CA LEU A 290 14.60 -17.87 -2.92
C LEU A 290 13.45 -18.49 -2.14
N ILE A 291 13.57 -18.52 -0.82
CA ILE A 291 12.51 -19.06 0.00
C ILE A 291 12.10 -18.00 1.01
N PRO A 292 10.80 -17.96 1.34
CA PRO A 292 10.34 -16.98 2.32
C PRO A 292 10.67 -17.56 3.68
N ILE A 293 11.03 -16.71 4.65
CA ILE A 293 11.30 -17.20 5.98
C ILE A 293 10.54 -16.34 6.95
N ALA A 294 10.18 -16.91 8.09
CA ALA A 294 9.48 -16.14 9.09
C ALA A 294 10.51 -15.11 9.52
N PRO A 295 10.07 -13.93 9.96
CA PRO A 295 11.06 -12.95 10.39
C PRO A 295 11.87 -13.45 11.58
N PRO A 296 13.20 -13.43 11.48
CA PRO A 296 14.05 -13.89 12.57
C PRO A 296 13.72 -13.13 13.86
N THR A 297 13.67 -13.86 14.98
CA THR A 297 13.37 -13.27 16.28
C THR A 297 14.31 -12.10 16.54
N ASN A 298 13.75 -10.93 16.87
CA ASN A 298 14.57 -9.75 17.13
C ASN A 298 15.18 -9.78 18.53
N SER A 299 16.06 -8.82 18.81
CA SER A 299 16.74 -8.75 20.10
C SER A 299 15.78 -8.72 21.29
N LYS A 300 14.56 -8.26 21.08
CA LYS A 300 13.59 -8.19 22.14
C LYS A 300 12.86 -9.52 22.36
N GLY A 301 13.20 -10.50 21.52
CA GLY A 301 12.58 -11.80 21.66
C GLY A 301 11.29 -12.02 20.89
N GLN A 302 11.06 -11.27 19.83
CA GLN A 302 9.86 -11.48 19.05
C GLN A 302 10.02 -11.37 17.54
N ARG A 303 9.14 -12.06 16.82
CA ARG A 303 9.17 -12.06 15.36
C ARG A 303 8.28 -10.94 14.87
N TRP A 304 8.91 -10.00 14.17
CA TRP A 304 8.23 -8.82 13.67
C TRP A 304 8.16 -8.65 12.17
N GLU A 305 6.94 -8.44 11.67
CA GLU A 305 6.75 -8.13 10.26
C GLU A 305 5.92 -6.85 10.38
N GLU A 306 6.62 -5.73 10.33
CA GLU A 306 6.03 -4.41 10.48
C GLU A 306 5.15 -3.97 9.32
N ASP A 307 5.45 -4.42 8.11
CA ASP A 307 4.67 -4.04 6.92
C ASP A 307 3.38 -4.85 6.77
N SER A 308 2.30 -4.17 6.37
CA SER A 308 1.02 -4.83 6.15
C SER A 308 0.25 -4.02 5.12
N ARG A 309 -0.79 -4.60 4.56
CA ARG A 309 -1.57 -3.86 3.58
C ARG A 309 -2.51 -2.95 4.35
N GLN A 310 -2.79 -1.79 3.79
CA GLN A 310 -3.70 -0.86 4.43
C GLN A 310 -5.08 -1.46 4.34
N LYS A 311 -5.91 -1.19 5.34
CA LYS A 311 -7.27 -1.71 5.33
C LYS A 311 -8.18 -0.82 4.49
N VAL A 312 -7.69 0.38 4.18
CA VAL A 312 -8.46 1.33 3.38
C VAL A 312 -7.47 2.18 2.58
N ARG A 313 -7.84 2.49 1.34
CA ARG A 313 -6.97 3.33 0.53
C ARG A 313 -7.58 4.73 0.45
N PRO A 314 -6.73 5.75 0.30
CA PRO A 314 -7.21 7.13 0.20
C PRO A 314 -7.77 7.43 -1.18
N ASP A 315 -8.37 6.41 -1.80
CA ASP A 315 -8.94 6.56 -3.13
C ASP A 315 -10.44 6.27 -3.08
N GLY A 316 -11.16 6.65 -4.13
CA GLY A 316 -12.60 6.41 -4.14
C GLY A 316 -13.36 7.46 -4.90
N TRP A 317 -14.66 7.53 -4.66
CA TRP A 317 -15.46 8.53 -5.33
C TRP A 317 -16.53 9.14 -4.42
N ALA A 318 -16.97 10.34 -4.79
CA ALA A 318 -17.94 11.08 -4.01
C ALA A 318 -19.07 11.63 -4.88
N ILE A 319 -20.12 12.08 -4.21
CA ILE A 319 -21.30 12.64 -4.87
C ILE A 319 -21.29 14.15 -4.66
N THR A 320 -21.29 14.92 -5.74
CA THR A 320 -21.27 16.37 -5.60
C THR A 320 -22.62 16.94 -5.23
N VAL A 321 -22.60 18.14 -4.67
CA VAL A 321 -23.83 18.81 -4.26
C VAL A 321 -24.68 19.10 -5.48
N LYS A 322 -24.07 19.03 -6.67
CA LYS A 322 -24.80 19.29 -7.91
C LYS A 322 -25.46 18.06 -8.53
N ASN A 323 -25.26 16.89 -7.91
CA ASN A 323 -25.85 15.65 -8.40
C ASN A 323 -27.34 15.67 -8.10
N LYS A 324 -28.16 15.77 -9.13
CA LYS A 324 -29.61 15.81 -8.96
C LYS A 324 -30.23 14.44 -8.72
N ASN A 325 -29.40 13.39 -8.75
CA ASN A 325 -29.88 12.04 -8.53
C ASN A 325 -29.05 11.34 -7.46
N PRO A 326 -29.08 11.86 -6.23
CA PRO A 326 -28.30 11.28 -5.14
C PRO A 326 -28.63 9.84 -4.74
N VAL A 327 -29.90 9.45 -4.72
CA VAL A 327 -30.22 8.08 -4.31
C VAL A 327 -29.89 7.04 -5.38
N GLU A 328 -30.05 7.40 -6.65
CA GLU A 328 -29.71 6.49 -7.73
C GLU A 328 -28.19 6.31 -7.70
N THR A 329 -27.48 7.43 -7.53
CA THR A 329 -26.02 7.38 -7.48
C THR A 329 -25.51 6.49 -6.35
N ILE A 330 -26.11 6.63 -5.16
CA ILE A 330 -25.67 5.84 -4.02
C ILE A 330 -25.98 4.37 -4.22
N LYS A 331 -27.11 4.06 -4.87
CA LYS A 331 -27.48 2.67 -5.12
C LYS A 331 -26.44 2.11 -6.09
N PHE A 332 -26.03 2.94 -7.04
CA PHE A 332 -25.02 2.56 -8.02
C PHE A 332 -23.71 2.24 -7.28
N PHE A 333 -23.32 3.13 -6.39
CA PHE A 333 -22.10 2.93 -5.61
C PHE A 333 -22.18 1.61 -4.86
N ASP A 334 -23.36 1.34 -4.30
CA ASP A 334 -23.61 0.14 -3.53
C ASP A 334 -23.42 -1.15 -4.35
N PHE A 335 -23.68 -1.05 -5.65
CA PHE A 335 -23.52 -2.19 -6.55
C PHE A 335 -22.10 -2.74 -6.46
N TYR A 336 -21.14 -1.85 -6.31
CA TYR A 336 -19.74 -2.25 -6.23
C TYR A 336 -19.31 -2.95 -4.95
N PHE A 337 -20.25 -3.07 -4.00
CA PHE A 337 -19.99 -3.78 -2.76
C PHE A 337 -20.83 -5.05 -2.73
N SER A 338 -21.55 -5.31 -3.82
CA SER A 338 -22.36 -6.51 -3.96
C SER A 338 -21.50 -7.50 -4.77
N ARG A 339 -21.80 -8.79 -4.68
CA ARG A 339 -21.00 -9.78 -5.40
C ARG A 339 -20.95 -9.54 -6.92
N PRO A 340 -22.10 -9.30 -7.57
CA PRO A 340 -21.99 -9.07 -9.01
C PRO A 340 -21.10 -7.87 -9.34
N GLY A 341 -21.21 -6.80 -8.55
CA GLY A 341 -20.38 -5.63 -8.79
C GLY A 341 -18.92 -5.91 -8.46
N ARG A 342 -18.67 -6.62 -7.36
CA ARG A 342 -17.31 -6.97 -6.97
C ARG A 342 -16.66 -7.84 -8.05
N ASP A 343 -17.47 -8.65 -8.72
CA ASP A 343 -17.00 -9.51 -9.79
C ASP A 343 -16.41 -8.73 -10.97
N ILE A 344 -17.18 -7.82 -11.55
CA ILE A 344 -16.68 -7.10 -12.71
C ILE A 344 -15.56 -6.09 -12.38
N SER A 345 -15.61 -5.49 -11.20
CA SER A 345 -14.61 -4.51 -10.82
C SER A 345 -13.29 -5.14 -10.42
N ASN A 346 -13.30 -6.43 -10.12
CA ASN A 346 -12.10 -7.17 -9.74
C ASN A 346 -11.58 -8.09 -10.84
N PHE A 347 -12.49 -8.69 -11.60
CA PHE A 347 -12.12 -9.67 -12.62
C PHE A 347 -12.30 -9.26 -14.09
N GLY A 348 -13.08 -8.22 -14.34
CA GLY A 348 -13.25 -7.78 -15.71
C GLY A 348 -14.62 -8.09 -16.30
N VAL A 349 -14.63 -8.75 -17.45
CA VAL A 349 -15.88 -9.07 -18.12
C VAL A 349 -16.03 -10.56 -18.35
N PRO A 350 -17.18 -11.13 -17.97
CA PRO A 350 -17.38 -12.56 -18.18
C PRO A 350 -17.31 -12.90 -19.67
N GLY A 351 -16.70 -14.05 -19.98
CA GLY A 351 -16.59 -14.45 -21.37
C GLY A 351 -15.36 -13.86 -22.02
N VAL A 352 -14.76 -12.86 -21.36
CA VAL A 352 -13.57 -12.21 -21.89
C VAL A 352 -12.35 -12.47 -21.04
N THR A 353 -12.43 -12.15 -19.75
CA THR A 353 -11.31 -12.36 -18.85
C THR A 353 -11.60 -13.47 -17.84
N TYR A 354 -12.87 -13.70 -17.55
CA TYR A 354 -13.22 -14.75 -16.60
C TYR A 354 -14.54 -15.42 -16.94
N ASP A 355 -14.88 -16.42 -16.13
CA ASP A 355 -16.11 -17.17 -16.27
C ASP A 355 -16.47 -17.57 -14.87
N ILE A 356 -17.76 -17.74 -14.60
CA ILE A 356 -18.20 -18.18 -13.28
C ILE A 356 -18.08 -19.70 -13.22
N LYS A 357 -17.38 -20.19 -12.20
CA LYS A 357 -17.17 -21.63 -12.00
C LYS A 357 -17.38 -21.96 -10.53
N ASN A 358 -18.36 -22.83 -10.25
CA ASN A 358 -18.63 -23.22 -8.87
C ASN A 358 -19.00 -22.00 -8.06
N GLY A 359 -19.72 -21.08 -8.69
CA GLY A 359 -20.13 -19.86 -8.01
C GLY A 359 -19.01 -18.87 -7.79
N LYS A 360 -17.87 -19.11 -8.43
CA LYS A 360 -16.71 -18.23 -8.29
C LYS A 360 -16.26 -17.65 -9.61
N ALA A 361 -15.70 -16.44 -9.57
CA ALA A 361 -15.18 -15.82 -10.78
C ALA A 361 -13.81 -16.48 -10.97
N VAL A 362 -13.58 -17.06 -12.15
CA VAL A 362 -12.30 -17.70 -12.42
C VAL A 362 -11.66 -17.18 -13.70
N PHE A 363 -10.46 -16.64 -13.58
CA PHE A 363 -9.75 -16.11 -14.75
C PHE A 363 -9.50 -17.18 -15.80
N LYS A 364 -9.59 -16.79 -17.07
CA LYS A 364 -9.32 -17.69 -18.19
C LYS A 364 -7.81 -17.96 -18.25
N ASP A 365 -7.43 -19.14 -18.74
CA ASP A 365 -6.01 -19.47 -18.84
C ASP A 365 -5.24 -18.46 -19.68
N SER A 366 -5.88 -17.95 -20.73
CA SER A 366 -5.24 -16.98 -21.59
C SER A 366 -4.80 -15.77 -20.79
N VAL A 367 -5.61 -15.38 -19.82
CA VAL A 367 -5.30 -14.24 -18.97
C VAL A 367 -4.14 -14.53 -18.02
N LEU A 368 -4.15 -15.72 -17.43
CA LEU A 368 -3.10 -16.09 -16.49
C LEU A 368 -1.78 -16.49 -17.13
N LYS A 369 -1.82 -17.08 -18.32
CA LYS A 369 -0.59 -17.50 -19.01
C LYS A 369 0.15 -16.38 -19.75
N SER A 370 -0.53 -15.27 -20.01
CA SER A 370 0.08 -14.15 -20.72
C SER A 370 1.24 -13.47 -19.99
N PRO A 371 2.24 -13.01 -20.73
CA PRO A 371 3.39 -12.34 -20.11
C PRO A 371 2.98 -10.96 -19.61
N GLN A 372 1.79 -10.51 -20.02
CA GLN A 372 1.28 -9.22 -19.58
C GLN A 372 0.66 -9.45 -18.20
N PRO A 373 1.15 -8.74 -17.18
CA PRO A 373 0.60 -8.92 -15.83
C PRO A 373 -0.90 -8.69 -15.75
N VAL A 374 -1.56 -9.57 -15.02
CA VAL A 374 -3.01 -9.51 -14.85
C VAL A 374 -3.52 -8.12 -14.52
N ASN A 375 -2.89 -7.44 -13.55
CA ASN A 375 -3.33 -6.09 -13.18
C ASN A 375 -3.41 -5.15 -14.37
N ASN A 376 -2.40 -5.19 -15.24
CA ASN A 376 -2.40 -4.30 -16.40
C ASN A 376 -3.48 -4.66 -17.40
N GLN A 377 -3.79 -5.94 -17.54
CA GLN A 377 -4.85 -6.34 -18.45
C GLN A 377 -6.18 -5.78 -17.94
N LEU A 378 -6.34 -5.79 -16.62
CA LEU A 378 -7.55 -5.30 -16.01
C LEU A 378 -7.66 -3.78 -16.11
N TYR A 379 -6.58 -3.08 -15.83
CA TYR A 379 -6.61 -1.62 -15.90
C TYR A 379 -7.13 -1.19 -17.26
N ASP A 380 -6.60 -1.81 -18.31
CA ASP A 380 -6.99 -1.47 -19.68
C ASP A 380 -8.46 -1.73 -19.95
N MET A 381 -9.12 -2.45 -19.05
CA MET A 381 -10.53 -2.76 -19.21
C MET A 381 -11.46 -2.00 -18.30
N GLY A 382 -10.89 -1.27 -17.35
CA GLY A 382 -11.72 -0.53 -16.41
C GLY A 382 -11.90 -1.27 -15.08
N ALA A 383 -11.06 -2.29 -14.84
CA ALA A 383 -11.12 -3.05 -13.59
C ALA A 383 -9.91 -2.72 -12.74
N GLN A 384 -10.02 -2.97 -11.42
CA GLN A 384 -8.96 -2.66 -10.47
C GLN A 384 -8.56 -1.20 -10.55
N ILE A 385 -9.53 -0.33 -10.78
CA ILE A 385 -9.27 1.09 -10.84
C ILE A 385 -9.78 1.71 -9.55
N PRO A 386 -9.18 2.84 -9.14
CA PRO A 386 -9.50 3.58 -7.92
C PRO A 386 -10.88 4.21 -7.70
N ILE A 387 -11.93 3.46 -7.99
CA ILE A 387 -13.29 3.94 -7.74
C ILE A 387 -13.59 3.37 -6.36
N GLY A 388 -14.80 3.58 -5.86
CA GLY A 388 -15.14 3.02 -4.56
C GLY A 388 -15.60 1.59 -4.81
N PHE A 389 -14.82 0.61 -4.35
CA PHE A 389 -15.22 -0.79 -4.55
C PHE A 389 -14.55 -1.71 -3.53
N TRP A 390 -15.08 -2.92 -3.39
CA TRP A 390 -14.53 -3.87 -2.45
C TRP A 390 -13.64 -4.88 -3.18
N GLN A 391 -12.33 -4.72 -3.01
CA GLN A 391 -11.38 -5.61 -3.67
C GLN A 391 -11.57 -7.05 -3.16
N ASP A 392 -11.27 -8.02 -4.03
CA ASP A 392 -11.43 -9.43 -3.72
C ASP A 392 -10.09 -10.14 -3.90
N TYR A 393 -9.45 -10.46 -2.78
CA TYR A 393 -8.15 -11.11 -2.82
C TYR A 393 -8.11 -12.37 -3.68
N ASP A 394 -9.25 -13.02 -3.89
CA ASP A 394 -9.22 -14.22 -4.70
C ASP A 394 -8.77 -13.92 -6.13
N TYR A 395 -8.94 -12.68 -6.58
CA TYR A 395 -8.48 -12.35 -7.94
C TYR A 395 -6.93 -12.42 -7.94
N GLU A 396 -6.32 -11.96 -6.85
CA GLU A 396 -4.87 -11.98 -6.72
C GLU A 396 -4.32 -13.38 -6.44
N ARG A 397 -5.06 -14.16 -5.65
CA ARG A 397 -4.64 -15.52 -5.33
C ARG A 397 -4.44 -16.31 -6.61
N GLN A 398 -5.30 -16.06 -7.58
CA GLN A 398 -5.25 -16.78 -8.85
C GLN A 398 -3.99 -16.57 -9.68
N TRP A 399 -3.32 -15.45 -9.51
CA TRP A 399 -2.08 -15.26 -10.27
C TRP A 399 -0.84 -15.23 -9.39
N THR A 400 -0.98 -15.74 -8.17
CA THR A 400 0.13 -15.83 -7.23
C THR A 400 0.58 -17.29 -7.25
N THR A 401 1.86 -17.54 -7.51
CA THR A 401 2.37 -18.92 -7.55
C THR A 401 2.13 -19.62 -6.23
N PRO A 402 1.95 -20.95 -6.28
CA PRO A 402 1.71 -21.77 -5.10
C PRO A 402 2.75 -21.54 -4.00
N GLU A 403 4.01 -21.43 -4.39
CA GLU A 403 5.10 -21.21 -3.44
C GLU A 403 4.91 -19.89 -2.69
N ALA A 404 4.54 -18.84 -3.42
CA ALA A 404 4.30 -17.54 -2.80
C ALA A 404 3.14 -17.65 -1.82
N GLN A 405 2.06 -18.31 -2.25
CA GLN A 405 0.88 -18.48 -1.39
C GLN A 405 1.22 -19.19 -0.09
N ALA A 406 2.07 -20.20 -0.16
CA ALA A 406 2.47 -20.94 1.01
C ALA A 406 3.20 -19.98 1.95
N GLY A 407 4.04 -19.11 1.37
CA GLY A 407 4.76 -18.15 2.18
C GLY A 407 3.81 -17.19 2.86
N ILE A 408 2.79 -16.75 2.14
CA ILE A 408 1.81 -15.85 2.68
C ILE A 408 1.01 -16.51 3.79
N ASP A 409 0.60 -17.75 3.58
CA ASP A 409 -0.16 -18.47 4.60
C ASP A 409 0.66 -18.58 5.88
N MET A 410 1.96 -18.83 5.71
CA MET A 410 2.86 -18.96 6.85
C MET A 410 2.86 -17.69 7.67
N TYR A 411 2.88 -16.54 6.99
CA TYR A 411 2.87 -15.28 7.70
C TYR A 411 1.55 -15.02 8.41
N VAL A 412 0.44 -15.41 7.78
CA VAL A 412 -0.86 -15.20 8.40
C VAL A 412 -0.94 -16.12 9.62
N LYS A 413 -0.58 -17.39 9.43
CA LYS A 413 -0.61 -18.36 10.53
C LYS A 413 0.33 -17.96 11.65
N GLY A 414 1.51 -17.44 11.30
CA GLY A 414 2.48 -17.04 12.30
C GLY A 414 2.10 -15.79 13.09
N LYS A 415 1.14 -15.04 12.58
CA LYS A 415 0.67 -13.83 13.25
C LYS A 415 1.78 -12.79 13.48
N TYR A 416 2.78 -12.78 12.59
CA TYR A 416 3.89 -11.83 12.70
C TYR A 416 3.52 -10.44 12.23
N VAL A 417 2.53 -10.37 11.34
CA VAL A 417 2.12 -9.10 10.77
C VAL A 417 1.47 -8.15 11.75
N MET A 418 2.11 -6.99 11.93
CA MET A 418 1.60 -5.96 12.83
C MET A 418 0.55 -5.11 12.13
N PRO A 419 -0.55 -4.79 12.84
CA PRO A 419 -1.62 -3.97 12.26
C PRO A 419 -1.06 -2.59 11.94
N GLY A 420 -1.46 -2.02 10.81
CA GLY A 420 -0.95 -0.71 10.45
C GLY A 420 -1.83 0.39 10.98
N PHE A 421 -1.29 1.60 10.96
CA PHE A 421 -2.01 2.78 11.41
C PHE A 421 -2.73 3.28 10.15
N GLU A 422 -4.05 3.43 10.24
CA GLU A 422 -4.83 3.88 9.10
C GLU A 422 -4.87 5.39 8.94
N GLY A 423 -4.15 6.11 9.80
CA GLY A 423 -4.13 7.56 9.70
C GLY A 423 -5.33 8.27 10.33
N VAL A 424 -5.28 9.59 10.31
CA VAL A 424 -6.34 10.41 10.87
C VAL A 424 -6.73 11.47 9.85
N ASN A 425 -7.93 12.01 10.02
CA ASN A 425 -8.43 13.07 9.16
C ASN A 425 -8.45 14.32 10.03
N MET A 426 -7.80 15.38 9.57
CA MET A 426 -7.67 16.61 10.35
C MET A 426 -8.57 17.76 9.91
N THR A 427 -8.81 18.68 10.84
CA THR A 427 -9.63 19.87 10.60
C THR A 427 -8.72 20.88 9.93
N ARG A 428 -9.28 22.00 9.49
CA ARG A 428 -8.47 23.04 8.84
C ARG A 428 -7.34 23.49 9.74
N GLU A 429 -7.67 23.75 11.00
CA GLU A 429 -6.71 24.18 12.01
C GLU A 429 -5.53 23.21 12.02
N GLU A 430 -5.82 21.95 12.32
CA GLU A 430 -4.80 20.91 12.37
C GLU A 430 -3.99 20.79 11.09
N ARG A 431 -4.68 20.52 9.99
CA ARG A 431 -4.04 20.36 8.70
C ARG A 431 -3.06 21.49 8.37
N ALA A 432 -3.39 22.71 8.77
CA ALA A 432 -2.53 23.86 8.50
C ALA A 432 -1.13 23.67 9.08
N ILE A 433 -1.06 23.19 10.32
CA ILE A 433 0.22 22.96 10.96
C ILE A 433 0.95 21.82 10.27
N TYR A 434 0.24 20.71 10.09
CA TYR A 434 0.80 19.53 9.45
C TYR A 434 1.43 19.85 8.09
N ASP A 435 0.66 20.48 7.21
CA ASP A 435 1.16 20.83 5.89
C ASP A 435 2.31 21.81 5.90
N LYS A 436 2.43 22.60 6.96
CA LYS A 436 3.49 23.58 7.02
C LYS A 436 4.82 23.03 7.50
N TYR A 437 4.78 22.07 8.42
CA TYR A 437 6.01 21.53 8.99
C TYR A 437 6.38 20.08 8.72
N TRP A 438 5.39 19.22 8.52
CA TRP A 438 5.69 17.81 8.32
C TRP A 438 6.73 17.49 7.26
N ALA A 439 6.51 18.00 6.04
CA ALA A 439 7.45 17.72 4.95
C ALA A 439 8.88 18.11 5.30
N ASP A 440 9.07 19.26 5.96
CA ASP A 440 10.41 19.70 6.34
C ASP A 440 10.99 18.71 7.34
N VAL A 441 10.22 18.36 8.36
CA VAL A 441 10.68 17.42 9.37
C VAL A 441 11.05 16.10 8.73
N ARG A 442 10.14 15.57 7.91
CA ARG A 442 10.37 14.29 7.27
C ARG A 442 11.65 14.27 6.43
N THR A 443 11.86 15.27 5.58
CA THR A 443 13.07 15.27 4.76
C THR A 443 14.31 15.35 5.64
N TYR A 444 14.20 16.07 6.75
CA TYR A 444 15.34 16.19 7.67
C TYR A 444 15.69 14.82 8.23
N MET A 445 14.66 14.10 8.67
CA MET A 445 14.88 12.78 9.22
C MET A 445 15.51 11.87 8.18
N TYR A 446 14.97 11.90 6.96
CA TYR A 446 15.49 11.06 5.90
C TYR A 446 16.97 11.32 5.64
N GLU A 447 17.35 12.58 5.62
CA GLU A 447 18.75 12.93 5.37
C GLU A 447 19.67 12.45 6.48
N MET A 448 19.22 12.55 7.72
CA MET A 448 20.03 12.08 8.84
C MET A 448 20.09 10.56 8.80
N GLY A 449 18.96 9.94 8.47
CA GLY A 449 18.92 8.49 8.40
C GLY A 449 19.92 8.00 7.36
N GLN A 450 19.88 8.60 6.18
CA GLN A 450 20.78 8.24 5.10
C GLN A 450 22.24 8.38 5.54
N ALA A 451 22.57 9.53 6.15
CA ALA A 451 23.94 9.77 6.60
C ALA A 451 24.37 8.77 7.67
N TRP A 452 23.44 8.43 8.57
CA TRP A 452 23.77 7.47 9.61
C TRP A 452 24.08 6.10 9.01
N VAL A 453 23.26 5.68 8.05
CA VAL A 453 23.50 4.38 7.44
C VAL A 453 24.88 4.35 6.80
N MET A 454 25.13 5.33 5.92
CA MET A 454 26.41 5.42 5.22
C MET A 454 27.61 5.79 6.09
N GLY A 455 27.42 6.00 7.38
CA GLY A 455 28.54 6.33 8.24
C GLY A 455 29.05 7.75 8.06
N THR A 456 28.29 8.58 7.34
CA THR A 456 28.65 9.98 7.09
C THR A 456 28.61 10.79 8.39
N LYS A 457 27.75 10.38 9.30
CA LYS A 457 27.62 11.03 10.59
C LYS A 457 27.44 9.92 11.59
N ASP A 458 28.03 10.08 12.79
CA ASP A 458 27.91 9.08 13.82
C ASP A 458 26.56 9.32 14.49
N VAL A 459 25.79 8.26 14.72
CA VAL A 459 24.48 8.42 15.32
C VAL A 459 24.55 8.93 16.76
N ASP A 460 25.40 8.32 17.58
CA ASP A 460 25.52 8.74 18.97
C ASP A 460 26.04 10.17 19.13
N LYS A 461 26.94 10.57 18.25
CA LYS A 461 27.50 11.91 18.32
C LYS A 461 26.49 12.98 17.88
N THR A 462 25.54 12.61 17.04
CA THR A 462 24.54 13.57 16.55
C THR A 462 23.11 13.40 17.03
N TRP A 463 22.85 12.41 17.89
CA TRP A 463 21.48 12.17 18.34
C TRP A 463 20.84 13.32 19.13
N ASP A 464 21.59 13.91 20.06
CA ASP A 464 21.06 15.00 20.86
C ASP A 464 20.74 16.22 19.99
N GLU A 465 21.59 16.50 19.02
CA GLU A 465 21.36 17.62 18.14
C GLU A 465 20.16 17.29 17.24
N TYR A 466 20.12 16.04 16.78
CA TYR A 466 19.03 15.53 15.93
C TYR A 466 17.71 15.75 16.65
N GLN A 467 17.67 15.42 17.93
CA GLN A 467 16.48 15.58 18.76
C GLN A 467 16.14 17.07 18.88
N ARG A 468 17.17 17.89 19.06
CA ARG A 468 16.99 19.34 19.18
C ARG A 468 16.37 19.91 17.90
N GLN A 469 16.90 19.47 16.76
CA GLN A 469 16.42 19.91 15.45
C GLN A 469 14.98 19.50 15.23
N LEU A 470 14.62 18.31 15.72
CA LEU A 470 13.25 17.82 15.55
C LEU A 470 12.25 18.77 16.23
N LYS A 471 12.57 19.17 17.46
CA LYS A 471 11.70 20.08 18.21
C LYS A 471 11.68 21.43 17.52
N LEU A 472 12.85 21.86 17.08
CA LEU A 472 12.99 23.15 16.43
C LEU A 472 12.23 23.22 15.11
N ARG A 473 12.20 22.12 14.36
CA ARG A 473 11.52 22.08 13.07
C ARG A 473 10.01 21.85 13.10
N GLY A 474 9.44 21.68 14.29
CA GLY A 474 8.00 21.53 14.39
C GLY A 474 7.42 20.16 14.70
N LEU A 475 8.28 19.17 14.88
CA LEU A 475 7.83 17.82 15.18
C LEU A 475 6.74 17.83 16.23
N TYR A 476 6.99 18.51 17.35
CA TYR A 476 6.03 18.58 18.44
C TYR A 476 4.69 19.23 18.14
N GLN A 477 4.66 20.21 17.26
CA GLN A 477 3.39 20.85 16.91
C GLN A 477 2.62 19.87 16.01
N VAL A 478 3.35 19.20 15.12
CA VAL A 478 2.72 18.22 14.24
C VAL A 478 2.08 17.11 15.07
N LEU A 479 2.86 16.54 15.99
CA LEU A 479 2.36 15.46 16.85
C LEU A 479 1.13 15.88 17.65
N GLN A 480 1.12 17.10 18.14
CA GLN A 480 -0.01 17.58 18.92
C GLN A 480 -1.28 17.64 18.08
N MET A 481 -1.16 18.05 16.83
CA MET A 481 -2.32 18.10 15.96
C MET A 481 -2.74 16.67 15.59
N MET A 482 -1.76 15.78 15.47
CA MET A 482 -2.03 14.38 15.14
C MET A 482 -2.76 13.76 16.34
N GLN A 483 -2.27 14.04 17.53
CA GLN A 483 -2.87 13.51 18.76
C GLN A 483 -4.30 14.04 18.94
N GLN A 484 -4.49 15.32 18.70
CA GLN A 484 -5.82 15.91 18.82
C GLN A 484 -6.78 15.20 17.87
N ALA A 485 -6.38 15.04 16.61
CA ALA A 485 -7.22 14.38 15.62
C ALA A 485 -7.43 12.91 15.97
N TYR A 486 -6.42 12.26 16.51
CA TYR A 486 -6.55 10.87 16.89
C TYR A 486 -7.60 10.69 17.97
N ASP A 487 -7.50 11.49 19.02
CA ASP A 487 -8.44 11.41 20.14
C ASP A 487 -9.88 11.58 19.67
N ARG A 488 -10.09 12.50 18.73
CA ARG A 488 -11.42 12.75 18.19
C ARG A 488 -11.96 11.61 17.35
N GLN A 489 -11.10 11.04 16.52
CA GLN A 489 -11.48 9.99 15.59
C GLN A 489 -11.50 8.56 16.13
N TYR A 490 -10.57 8.23 17.01
CA TYR A 490 -10.51 6.87 17.53
C TYR A 490 -10.86 6.68 18.99
N LYS A 491 -11.03 7.77 19.73
CA LYS A 491 -11.36 7.65 21.15
C LYS A 491 -12.75 8.15 21.53
N ASN A 492 -13.38 8.94 20.66
CA ASN A 492 -14.71 9.48 20.98
C ASN A 492 -15.65 8.35 21.43
#